data_3FS8
#
_entry.id   3FS8
#
_cell.length_a   67.300
_cell.length_b   67.300
_cell.length_c   112.400
_cell.angle_alpha   90.00
_cell.angle_beta   90.00
_cell.angle_gamma   120.00
#
_symmetry.space_group_name_H-M   'P 3'
#
loop_
_entity.id
_entity.type
_entity.pdbx_description
1 polymer QdtC
2 non-polymer 'ACETYL COENZYME *A'
3 non-polymer THYMINE
4 water water
#
_entity_poly.entity_id   1
_entity_poly.type   'polypeptide(L)'
_entity_poly.pdbx_seq_one_letter_code
;MPNNISKSAIIKEGVIIGENVTIEDNVYIDYGCIIRDNVHIKKGSFIGARSILGEYLVDFYNDRINKKHPLIIGENALIR
TENVIYGDTIIGDNFQTGHKVTIRENTKIGNNVKIGTLSDIQHHVYIGNYVNIHSNVFVGEKSIIKDFVWLFPHVVLTND
PTPPSNELLGVTIELFAVIAARSVVLPGIHINEDALVGAGAVVTKDVPKETVVVGNPAREICSIRKIKNKITGEQVYPWR
YTFKRGMPWEETDYDTWIKNISIENLEHHHHHH
;
_entity_poly.pdbx_strand_id   A,B
#
loop_
_chem_comp.id
_chem_comp.type
_chem_comp.name
_chem_comp.formula
ACO non-polymer 'ACETYL COENZYME *A' 'C23 H38 N7 O17 P3 S'
TDR non-polymer THYMINE 'C5 H6 N2 O2'
#
# COMPACT_ATOMS: atom_id res chain seq x y z
N ASN A 3 -41.53 -20.14 -29.07
CA ASN A 3 -40.92 -20.52 -27.79
C ASN A 3 -40.55 -22.00 -27.63
N ASN A 4 -40.08 -22.34 -26.43
CA ASN A 4 -39.70 -23.72 -26.09
C ASN A 4 -39.92 -23.99 -24.62
N ILE A 5 -41.15 -24.34 -24.28
CA ILE A 5 -41.51 -24.60 -22.90
C ILE A 5 -41.79 -26.07 -22.57
N SER A 6 -41.06 -26.57 -21.59
CA SER A 6 -41.22 -27.95 -21.16
C SER A 6 -42.59 -28.36 -20.69
N LYS A 7 -43.01 -29.58 -21.01
CA LYS A 7 -44.31 -30.09 -20.60
C LYS A 7 -44.35 -30.29 -19.08
N SER A 8 -43.17 -30.40 -18.44
CA SER A 8 -43.13 -30.57 -16.97
C SER A 8 -43.08 -29.23 -16.26
N ALA A 9 -42.96 -28.16 -17.03
CA ALA A 9 -42.95 -26.85 -16.41
C ALA A 9 -44.34 -26.59 -15.84
N ILE A 10 -44.41 -25.95 -14.67
CA ILE A 10 -45.71 -25.60 -14.07
C ILE A 10 -45.74 -24.11 -14.20
N ILE A 11 -46.80 -23.60 -14.81
CA ILE A 11 -46.95 -22.19 -15.06
C ILE A 11 -48.28 -21.74 -14.56
N LYS A 12 -48.24 -21.07 -13.43
CA LYS A 12 -49.46 -20.59 -12.79
C LYS A 12 -50.29 -19.48 -13.47
N GLU A 13 -51.46 -19.27 -12.89
CA GLU A 13 -52.35 -18.27 -13.42
C GLU A 13 -51.70 -16.89 -13.49
N GLY A 14 -52.13 -16.14 -14.48
CA GLY A 14 -51.68 -14.77 -14.66
C GLY A 14 -50.31 -14.61 -15.28
N VAL A 15 -49.56 -15.71 -15.44
CA VAL A 15 -48.26 -15.55 -16.05
C VAL A 15 -48.37 -15.03 -17.49
N ILE A 16 -47.49 -14.10 -17.87
CA ILE A 16 -47.44 -13.51 -19.20
C ILE A 16 -46.10 -13.88 -19.82
N ILE A 17 -46.16 -14.53 -20.98
CA ILE A 17 -44.99 -14.98 -21.70
C ILE A 17 -44.79 -14.32 -23.07
N GLY A 18 -43.57 -13.92 -23.39
CA GLY A 18 -43.36 -13.23 -24.66
C GLY A 18 -42.80 -14.18 -25.71
N GLU A 19 -41.91 -13.65 -26.55
CA GLU A 19 -41.31 -14.45 -27.60
C GLU A 19 -39.87 -14.88 -27.34
N ASN A 20 -39.46 -15.96 -28.01
CA ASN A 20 -38.08 -16.43 -27.84
C ASN A 20 -37.75 -16.67 -26.37
N VAL A 21 -38.64 -17.38 -25.70
CA VAL A 21 -38.48 -17.73 -24.31
C VAL A 21 -38.31 -19.25 -24.29
N THR A 22 -37.38 -19.74 -23.47
CA THR A 22 -37.18 -21.18 -23.30
C THR A 22 -37.30 -21.44 -21.81
N ILE A 23 -38.20 -22.35 -21.44
CA ILE A 23 -38.45 -22.75 -20.05
C ILE A 23 -38.18 -24.26 -19.98
N GLU A 24 -37.14 -24.62 -19.25
CA GLU A 24 -36.80 -26.01 -19.18
C GLU A 24 -37.69 -26.82 -18.25
N ASP A 25 -37.32 -28.11 -18.17
CA ASP A 25 -37.98 -29.10 -17.32
C ASP A 25 -38.03 -28.71 -15.85
N ASN A 26 -39.19 -29.03 -15.26
CA ASN A 26 -39.48 -28.85 -13.84
C ASN A 26 -39.28 -27.44 -13.29
N VAL A 27 -39.64 -26.50 -14.13
CA VAL A 27 -39.53 -25.12 -13.74
C VAL A 27 -40.92 -24.80 -13.27
N TYR A 28 -40.98 -23.94 -12.28
CA TYR A 28 -42.26 -23.54 -11.72
C TYR A 28 -42.21 -22.03 -11.71
N ILE A 29 -43.15 -21.44 -12.42
CA ILE A 29 -43.30 -19.99 -12.53
C ILE A 29 -44.55 -19.64 -11.81
N ASP A 30 -44.42 -18.98 -10.66
CA ASP A 30 -45.57 -18.61 -9.87
C ASP A 30 -46.50 -17.51 -10.43
N TYR A 31 -47.66 -17.37 -9.77
CA TYR A 31 -48.66 -16.36 -10.20
C TYR A 31 -48.17 -15.01 -10.68
N GLY A 32 -48.68 -14.61 -11.83
CA GLY A 32 -48.39 -13.29 -12.33
C GLY A 32 -47.01 -12.94 -12.81
N CYS A 33 -46.09 -13.88 -12.98
CA CYS A 33 -44.83 -13.42 -13.51
C CYS A 33 -44.95 -12.92 -14.93
N ILE A 34 -44.09 -12.00 -15.30
CA ILE A 34 -44.11 -11.53 -16.67
C ILE A 34 -42.74 -11.93 -17.14
N ILE A 35 -42.76 -12.80 -18.14
CA ILE A 35 -41.54 -13.29 -18.75
C ILE A 35 -41.53 -12.54 -20.08
N ARG A 36 -40.59 -11.62 -20.22
CA ARG A 36 -40.46 -10.82 -21.43
C ARG A 36 -39.63 -11.62 -22.45
N ASP A 37 -39.52 -11.09 -23.67
CA ASP A 37 -38.76 -11.81 -24.70
C ASP A 37 -37.31 -12.08 -24.34
N ASN A 38 -36.78 -13.13 -24.98
CA ASN A 38 -35.38 -13.57 -24.89
C ASN A 38 -34.93 -13.90 -23.47
N VAL A 39 -35.65 -14.85 -22.87
CA VAL A 39 -35.38 -15.28 -21.51
C VAL A 39 -35.25 -16.78 -21.54
N HIS A 40 -34.21 -17.30 -20.93
CA HIS A 40 -33.98 -18.72 -20.86
C HIS A 40 -33.87 -19.18 -19.40
N ILE A 41 -34.84 -19.96 -18.98
CA ILE A 41 -34.80 -20.40 -17.60
C ILE A 41 -34.46 -21.90 -17.56
N LYS A 42 -33.31 -22.20 -16.99
CA LYS A 42 -32.82 -23.54 -16.89
C LYS A 42 -33.54 -24.48 -15.96
N LYS A 43 -33.37 -25.76 -16.20
CA LYS A 43 -34.14 -26.73 -15.43
C LYS A 43 -34.26 -26.68 -13.94
N GLY A 44 -35.44 -27.06 -13.47
CA GLY A 44 -35.64 -27.13 -12.02
C GLY A 44 -35.82 -25.84 -11.23
N SER A 45 -35.74 -24.70 -11.90
CA SER A 45 -35.90 -23.42 -11.23
C SER A 45 -37.32 -23.08 -10.87
N PHE A 46 -37.40 -22.29 -9.79
CA PHE A 46 -38.64 -21.73 -9.26
C PHE A 46 -38.55 -20.19 -9.44
N ILE A 47 -39.56 -19.58 -10.06
CA ILE A 47 -39.56 -18.10 -10.25
C ILE A 47 -40.74 -17.52 -9.44
N GLY A 48 -40.46 -16.72 -8.41
CA GLY A 48 -41.49 -16.16 -7.53
C GLY A 48 -42.50 -15.24 -8.18
N ALA A 49 -43.68 -15.26 -7.58
CA ALA A 49 -44.80 -14.54 -8.10
C ALA A 49 -44.48 -13.13 -8.43
N ARG A 50 -45.01 -12.71 -9.57
CA ARG A 50 -44.88 -11.36 -10.02
C ARG A 50 -43.50 -10.85 -10.29
N SER A 51 -42.58 -11.77 -10.51
CA SER A 51 -41.27 -11.31 -10.87
C SER A 51 -41.46 -10.91 -12.33
N ILE A 52 -40.51 -10.15 -12.85
CA ILE A 52 -40.54 -9.69 -14.22
C ILE A 52 -39.17 -10.06 -14.74
N LEU A 53 -39.12 -11.01 -15.68
CA LEU A 53 -37.85 -11.43 -16.20
C LEU A 53 -37.64 -10.95 -17.63
N GLY A 54 -36.41 -10.52 -17.91
CA GLY A 54 -36.00 -9.95 -19.20
C GLY A 54 -36.47 -8.50 -19.27
N GLU A 55 -36.47 -7.80 -18.13
CA GLU A 55 -36.89 -6.40 -18.03
C GLU A 55 -36.20 -5.54 -19.08
N TYR A 56 -36.98 -4.62 -19.63
CA TYR A 56 -36.51 -3.73 -20.68
C TYR A 56 -35.29 -2.83 -20.44
N LEU A 57 -34.31 -2.94 -21.34
CA LEU A 57 -33.11 -2.10 -21.36
C LEU A 57 -33.58 -0.79 -21.95
N VAL A 58 -32.75 0.22 -21.80
CA VAL A 58 -33.07 1.58 -22.23
C VAL A 58 -33.49 1.82 -23.68
N ASP A 59 -32.86 1.08 -24.59
CA ASP A 59 -33.15 1.20 -25.99
C ASP A 59 -34.60 0.89 -26.35
N PHE A 60 -35.31 0.21 -25.46
CA PHE A 60 -36.68 -0.17 -25.74
C PHE A 60 -37.51 1.10 -25.84
N TYR A 61 -37.23 2.02 -24.92
CA TYR A 61 -38.00 3.25 -24.84
C TYR A 61 -37.83 4.23 -26.00
N ASN A 62 -36.84 3.99 -26.85
CA ASN A 62 -36.68 4.90 -27.97
C ASN A 62 -37.96 4.90 -28.80
N ASP A 63 -38.44 3.70 -29.10
CA ASP A 63 -39.60 3.50 -29.99
C ASP A 63 -40.55 2.44 -29.51
N ARG A 64 -40.37 2.00 -28.27
CA ARG A 64 -41.22 0.96 -27.72
C ARG A 64 -41.15 -0.32 -28.50
N ILE A 65 -39.98 -0.57 -29.08
CA ILE A 65 -39.79 -1.81 -29.79
C ILE A 65 -38.69 -2.50 -29.01
N ASN A 66 -39.03 -3.69 -28.51
CA ASN A 66 -38.13 -4.51 -27.71
C ASN A 66 -36.99 -5.19 -28.44
N LYS A 67 -35.76 -4.71 -28.20
CA LYS A 67 -34.59 -5.33 -28.84
C LYS A 67 -34.18 -6.62 -28.14
N LYS A 68 -33.29 -7.31 -28.81
CA LYS A 68 -32.89 -8.57 -28.28
C LYS A 68 -31.76 -8.46 -27.30
N HIS A 69 -32.01 -8.84 -26.06
CA HIS A 69 -31.01 -8.78 -25.01
C HIS A 69 -31.25 -9.99 -24.13
N PRO A 70 -30.78 -11.13 -24.56
CA PRO A 70 -30.98 -12.36 -23.81
C PRO A 70 -30.58 -12.45 -22.35
N LEU A 71 -31.47 -13.04 -21.57
CA LEU A 71 -31.22 -13.32 -20.16
C LEU A 71 -31.24 -14.84 -20.01
N ILE A 72 -30.27 -15.35 -19.27
CA ILE A 72 -30.21 -16.76 -18.97
C ILE A 72 -30.14 -16.89 -17.47
N ILE A 73 -30.94 -17.82 -16.93
CA ILE A 73 -30.91 -18.13 -15.49
C ILE A 73 -30.53 -19.62 -15.45
N GLY A 74 -29.66 -20.02 -14.52
CA GLY A 74 -29.16 -21.41 -14.44
C GLY A 74 -30.09 -22.33 -13.72
N GLU A 75 -29.69 -23.59 -13.60
CA GLU A 75 -30.54 -24.57 -12.98
C GLU A 75 -30.81 -24.34 -11.53
N ASN A 76 -31.95 -24.87 -11.14
CA ASN A 76 -32.37 -24.84 -9.76
C ASN A 76 -32.37 -23.49 -9.12
N ALA A 77 -32.75 -22.43 -9.81
CA ALA A 77 -32.78 -21.17 -9.09
C ALA A 77 -33.95 -21.25 -8.13
N LEU A 78 -33.92 -20.46 -7.07
CA LEU A 78 -35.04 -20.29 -6.13
C LEU A 78 -35.16 -18.76 -6.03
N ILE A 79 -35.89 -18.19 -6.96
CA ILE A 79 -36.09 -16.75 -7.04
C ILE A 79 -37.43 -16.49 -6.35
N ARG A 80 -37.38 -15.59 -5.39
CA ARG A 80 -38.58 -15.21 -4.65
C ARG A 80 -39.41 -14.13 -5.30
N THR A 81 -40.43 -13.66 -4.60
CA THR A 81 -41.36 -12.74 -5.23
C THR A 81 -40.88 -11.40 -5.74
N GLU A 82 -41.50 -11.00 -6.84
CA GLU A 82 -41.27 -9.69 -7.41
C GLU A 82 -39.83 -9.29 -7.68
N ASN A 83 -39.06 -10.28 -8.12
CA ASN A 83 -37.68 -9.96 -8.52
C ASN A 83 -37.81 -9.37 -9.94
N VAL A 84 -36.98 -8.37 -10.21
CA VAL A 84 -36.95 -7.73 -11.54
C VAL A 84 -35.54 -7.99 -12.08
N ILE A 85 -35.42 -8.68 -13.23
CA ILE A 85 -34.11 -9.03 -13.78
C ILE A 85 -34.02 -8.63 -15.25
N TYR A 86 -33.02 -7.80 -15.56
CA TYR A 86 -32.81 -7.27 -16.93
C TYR A 86 -32.20 -8.26 -17.91
N GLY A 87 -32.31 -7.92 -19.18
CA GLY A 87 -31.74 -8.77 -20.23
C GLY A 87 -30.25 -8.48 -20.30
N ASP A 88 -29.52 -9.21 -21.16
CA ASP A 88 -28.05 -9.06 -21.27
C ASP A 88 -27.28 -9.42 -19.97
N THR A 89 -27.91 -10.31 -19.20
CA THR A 89 -27.39 -10.76 -17.91
C THR A 89 -27.41 -12.28 -17.83
N ILE A 90 -26.42 -12.83 -17.12
CA ILE A 90 -26.27 -14.27 -16.95
C ILE A 90 -26.21 -14.60 -15.48
N ILE A 91 -27.03 -15.57 -15.07
CA ILE A 91 -27.04 -15.99 -13.69
C ILE A 91 -26.78 -17.47 -13.70
N GLY A 92 -25.91 -17.93 -12.81
CA GLY A 92 -25.54 -19.35 -12.75
C GLY A 92 -26.53 -20.22 -11.98
N ASP A 93 -26.07 -21.41 -11.67
CA ASP A 93 -26.93 -22.31 -10.95
C ASP A 93 -27.02 -22.15 -9.43
N ASN A 94 -28.11 -22.74 -8.97
CA ASN A 94 -28.46 -22.70 -7.57
C ASN A 94 -28.44 -21.29 -7.00
N PHE A 95 -28.98 -20.35 -7.76
CA PHE A 95 -29.08 -18.96 -7.31
C PHE A 95 -30.32 -18.86 -6.41
N GLN A 96 -30.29 -18.02 -5.39
CA GLN A 96 -31.50 -17.89 -4.57
C GLN A 96 -31.67 -16.45 -4.22
N THR A 97 -32.91 -15.98 -4.19
CA THR A 97 -33.13 -14.61 -3.78
C THR A 97 -34.17 -14.42 -2.71
N GLY A 98 -34.16 -13.22 -2.14
CA GLY A 98 -35.18 -12.86 -1.17
C GLY A 98 -36.21 -12.12 -2.08
N HIS A 99 -37.06 -11.29 -1.48
CA HIS A 99 -38.09 -10.55 -2.18
C HIS A 99 -37.76 -9.21 -2.80
N LYS A 100 -38.37 -8.94 -3.96
CA LYS A 100 -38.16 -7.60 -4.52
C LYS A 100 -36.72 -7.16 -4.73
N VAL A 101 -35.95 -8.07 -5.31
CA VAL A 101 -34.57 -7.78 -5.61
C VAL A 101 -34.53 -7.23 -7.04
N THR A 102 -33.61 -6.32 -7.37
CA THR A 102 -33.53 -5.78 -8.74
C THR A 102 -32.14 -6.10 -9.27
N ILE A 103 -32.04 -6.66 -10.47
CA ILE A 103 -30.74 -6.98 -11.05
C ILE A 103 -30.72 -6.41 -12.46
N ARG A 104 -29.79 -5.49 -12.73
CA ARG A 104 -29.72 -4.84 -14.04
C ARG A 104 -28.99 -5.60 -15.11
N GLU A 105 -28.82 -4.99 -16.28
CA GLU A 105 -28.24 -5.63 -17.44
C GLU A 105 -26.72 -5.72 -17.49
N ASN A 106 -26.20 -6.56 -18.38
CA ASN A 106 -24.75 -6.64 -18.53
C ASN A 106 -24.11 -7.04 -17.24
N THR A 107 -24.84 -7.84 -16.47
CA THR A 107 -24.31 -8.32 -15.22
C THR A 107 -24.11 -9.83 -15.20
N LYS A 108 -23.11 -10.32 -14.48
CA LYS A 108 -22.81 -11.73 -14.39
C LYS A 108 -22.73 -12.13 -12.93
N ILE A 109 -23.53 -13.15 -12.64
CA ILE A 109 -23.68 -13.73 -11.32
C ILE A 109 -23.35 -15.21 -11.44
N GLY A 110 -22.45 -15.67 -10.58
CA GLY A 110 -21.99 -17.05 -10.57
C GLY A 110 -22.95 -18.03 -9.94
N ASN A 111 -22.38 -19.14 -9.51
CA ASN A 111 -23.14 -20.22 -8.92
C ASN A 111 -23.24 -20.16 -7.43
N ASN A 112 -24.35 -20.69 -6.94
CA ASN A 112 -24.64 -20.80 -5.51
C ASN A 112 -24.52 -19.46 -4.82
N VAL A 113 -25.06 -18.45 -5.49
CA VAL A 113 -25.04 -17.08 -4.95
C VAL A 113 -26.39 -16.79 -4.32
N LYS A 114 -26.41 -15.98 -3.25
CA LYS A 114 -27.67 -15.62 -2.59
C LYS A 114 -27.76 -14.09 -2.54
N ILE A 115 -28.92 -13.53 -2.90
CA ILE A 115 -29.11 -12.06 -2.93
C ILE A 115 -30.41 -11.80 -2.20
N GLY A 116 -30.28 -11.11 -1.06
CA GLY A 116 -31.41 -10.88 -0.18
C GLY A 116 -32.33 -9.75 -0.59
N THR A 117 -33.46 -9.78 0.11
CA THR A 117 -34.60 -8.88 -0.07
C THR A 117 -34.16 -7.43 -0.27
N LEU A 118 -34.70 -6.85 -1.32
CA LEU A 118 -34.47 -5.45 -1.72
C LEU A 118 -33.13 -5.12 -2.38
N SER A 119 -32.18 -6.05 -2.35
CA SER A 119 -30.93 -5.69 -2.98
C SER A 119 -31.09 -5.17 -4.40
N ASP A 120 -30.25 -4.19 -4.71
CA ASP A 120 -30.27 -3.53 -6.00
C ASP A 120 -28.88 -3.68 -6.64
N ILE A 121 -28.81 -4.62 -7.59
CA ILE A 121 -27.55 -4.90 -8.28
C ILE A 121 -27.60 -4.15 -9.63
N GLN A 122 -26.67 -3.24 -9.85
CA GLN A 122 -26.68 -2.42 -11.07
C GLN A 122 -26.10 -3.14 -12.26
N HIS A 123 -25.91 -2.39 -13.33
CA HIS A 123 -25.38 -2.96 -14.56
C HIS A 123 -23.88 -3.12 -14.53
N HIS A 124 -23.37 -3.97 -15.41
CA HIS A 124 -21.95 -4.17 -15.47
C HIS A 124 -21.36 -4.45 -14.10
N VAL A 125 -22.01 -5.42 -13.44
CA VAL A 125 -21.52 -5.90 -12.17
C VAL A 125 -21.08 -7.36 -12.35
N TYR A 126 -20.04 -7.77 -11.61
CA TYR A 126 -19.56 -9.14 -11.64
C TYR A 126 -19.70 -9.72 -10.23
N ILE A 127 -20.38 -10.86 -10.10
CA ILE A 127 -20.52 -11.46 -8.78
C ILE A 127 -20.06 -12.90 -9.02
N GLY A 128 -19.06 -13.34 -8.26
CA GLY A 128 -18.52 -14.70 -8.39
C GLY A 128 -19.40 -15.80 -7.78
N ASN A 129 -18.81 -16.91 -7.32
CA ASN A 129 -19.63 -17.99 -6.76
C ASN A 129 -19.68 -18.04 -5.25
N TYR A 130 -20.76 -18.60 -4.69
CA TYR A 130 -20.92 -18.67 -3.23
C TYR A 130 -20.82 -17.33 -2.49
N VAL A 131 -21.30 -16.29 -3.16
CA VAL A 131 -21.30 -14.93 -2.64
C VAL A 131 -22.64 -14.82 -1.93
N ASN A 132 -22.62 -14.09 -0.83
CA ASN A 132 -23.86 -13.93 -0.03
C ASN A 132 -24.11 -12.43 0.19
N ILE A 133 -25.15 -11.92 -0.47
CA ILE A 133 -25.46 -10.51 -0.31
C ILE A 133 -26.77 -10.53 0.41
N HIS A 134 -26.82 -9.79 1.53
CA HIS A 134 -28.02 -9.76 2.35
C HIS A 134 -29.04 -8.73 1.93
N SER A 135 -29.90 -8.34 2.86
CA SER A 135 -30.94 -7.37 2.55
C SER A 135 -30.47 -5.96 2.22
N ASN A 136 -31.10 -5.42 1.20
CA ASN A 136 -30.97 -4.05 0.78
C ASN A 136 -29.52 -3.58 0.64
N VAL A 137 -28.79 -4.34 -0.18
CA VAL A 137 -27.40 -4.02 -0.42
C VAL A 137 -27.42 -3.37 -1.78
N PHE A 138 -26.70 -2.26 -1.94
CA PHE A 138 -26.60 -1.58 -3.22
C PHE A 138 -25.27 -1.94 -3.87
N VAL A 139 -25.31 -2.53 -5.06
CA VAL A 139 -24.06 -2.91 -5.74
C VAL A 139 -23.92 -2.06 -6.98
N GLY A 140 -23.08 -1.03 -6.91
CA GLY A 140 -22.94 -0.16 -8.08
C GLY A 140 -22.26 -0.73 -9.36
N GLU A 141 -22.52 -0.06 -10.46
CA GLU A 141 -21.93 -0.44 -11.71
C GLU A 141 -20.44 -0.59 -11.53
N LYS A 142 -19.80 -1.56 -12.20
CA LYS A 142 -18.34 -1.73 -12.14
C LYS A 142 -17.83 -2.47 -10.90
N SER A 143 -18.71 -2.76 -9.96
CA SER A 143 -18.21 -3.49 -8.81
C SER A 143 -17.81 -4.89 -9.22
N ILE A 144 -16.77 -5.42 -8.54
CA ILE A 144 -16.33 -6.80 -8.82
C ILE A 144 -16.28 -7.51 -7.51
N ILE A 145 -17.15 -8.51 -7.36
CA ILE A 145 -17.23 -9.27 -6.11
C ILE A 145 -16.79 -10.72 -6.32
N LYS A 146 -15.62 -11.04 -5.76
CA LYS A 146 -15.06 -12.39 -5.93
C LYS A 146 -15.73 -13.47 -5.13
N ASP A 147 -15.28 -14.71 -5.29
CA ASP A 147 -16.01 -15.76 -4.59
C ASP A 147 -15.97 -15.69 -3.06
N PHE A 148 -17.03 -16.22 -2.47
CA PHE A 148 -17.17 -16.34 -1.03
C PHE A 148 -17.27 -15.07 -0.24
N VAL A 149 -17.55 -13.96 -0.94
CA VAL A 149 -17.60 -12.68 -0.23
C VAL A 149 -18.95 -12.57 0.46
N TRP A 150 -19.08 -11.85 1.60
CA TRP A 150 -20.38 -11.68 2.26
C TRP A 150 -20.61 -10.18 2.33
N LEU A 151 -21.78 -9.70 1.86
CA LEU A 151 -22.14 -8.28 1.99
C LEU A 151 -23.39 -8.34 2.91
N PHE A 152 -23.26 -7.77 4.10
CA PHE A 152 -24.38 -7.80 5.04
C PHE A 152 -25.36 -6.67 4.80
N PRO A 153 -26.49 -6.67 5.50
CA PRO A 153 -27.52 -5.68 5.18
C PRO A 153 -27.10 -4.23 5.02
N HIS A 154 -27.71 -3.58 4.03
CA HIS A 154 -27.47 -2.16 3.84
C HIS A 154 -26.05 -1.72 3.49
N VAL A 155 -25.25 -2.61 2.88
CA VAL A 155 -23.91 -2.22 2.45
C VAL A 155 -24.10 -1.51 1.12
N VAL A 156 -23.24 -0.55 0.83
CA VAL A 156 -23.38 0.21 -0.42
C VAL A 156 -21.97 0.31 -1.08
N LEU A 157 -21.80 -0.17 -2.30
CA LEU A 157 -20.51 -0.09 -3.01
C LEU A 157 -20.65 0.99 -4.08
N THR A 158 -19.90 2.08 -3.93
CA THR A 158 -19.98 3.24 -4.84
C THR A 158 -18.99 3.21 -5.97
N ASN A 159 -19.12 4.13 -6.92
CA ASN A 159 -18.23 4.12 -8.09
C ASN A 159 -17.85 5.49 -8.71
N ASP A 160 -18.46 6.58 -8.25
CA ASP A 160 -18.10 7.90 -8.81
C ASP A 160 -17.30 8.63 -7.70
N PRO A 161 -15.98 8.74 -7.89
CA PRO A 161 -15.09 9.30 -6.86
C PRO A 161 -15.25 10.76 -6.51
N THR A 162 -15.73 11.55 -7.46
CA THR A 162 -15.95 12.98 -7.27
C THR A 162 -17.25 13.29 -8.04
N PRO A 163 -18.39 12.90 -7.46
CA PRO A 163 -19.66 12.99 -8.17
C PRO A 163 -20.31 14.36 -8.35
N PRO A 164 -20.97 14.59 -9.47
CA PRO A 164 -21.14 13.64 -10.56
C PRO A 164 -19.96 13.85 -11.51
N SER A 165 -19.40 12.76 -12.01
CA SER A 165 -18.27 12.82 -12.95
C SER A 165 -18.40 11.75 -13.99
N ASN A 166 -17.52 11.84 -14.99
CA ASN A 166 -17.60 10.94 -16.12
C ASN A 166 -16.85 9.62 -16.08
N GLU A 167 -15.88 9.56 -15.18
CA GLU A 167 -15.05 8.38 -15.09
C GLU A 167 -15.30 7.61 -13.82
N LEU A 168 -15.98 6.48 -13.92
CA LEU A 168 -16.22 5.68 -12.71
C LEU A 168 -15.15 4.64 -12.33
N LEU A 169 -15.01 4.34 -11.04
CA LEU A 169 -13.98 3.36 -10.60
C LEU A 169 -14.77 2.36 -9.74
N GLY A 170 -14.81 1.08 -10.11
CA GLY A 170 -15.59 0.18 -9.29
C GLY A 170 -14.74 -0.32 -8.17
N VAL A 171 -15.42 -0.82 -7.14
CA VAL A 171 -14.80 -1.43 -5.98
C VAL A 171 -14.54 -2.91 -6.35
N THR A 172 -13.43 -3.44 -5.85
CA THR A 172 -13.16 -4.85 -6.06
C THR A 172 -13.01 -5.47 -4.68
N ILE A 173 -13.78 -6.52 -4.46
CA ILE A 173 -13.76 -7.24 -3.19
C ILE A 173 -13.26 -8.65 -3.48
N GLU A 174 -12.13 -8.94 -2.87
CA GLU A 174 -11.43 -10.22 -3.05
C GLU A 174 -11.98 -11.38 -2.22
N LEU A 175 -11.47 -12.56 -2.53
CA LEU A 175 -11.90 -13.81 -1.90
C LEU A 175 -12.15 -13.73 -0.40
N PHE A 176 -13.32 -14.26 0.00
CA PHE A 176 -13.70 -14.38 1.40
C PHE A 176 -13.88 -13.09 2.22
N ALA A 177 -13.65 -11.94 1.61
CA ALA A 177 -13.78 -10.74 2.45
C ALA A 177 -15.20 -10.59 2.98
N VAL A 178 -15.33 -9.97 4.14
CA VAL A 178 -16.67 -9.81 4.74
C VAL A 178 -16.85 -8.30 4.97
N ILE A 179 -17.97 -7.78 4.48
CA ILE A 179 -18.31 -6.38 4.71
C ILE A 179 -19.54 -6.38 5.63
N ALA A 180 -19.35 -5.91 6.86
CA ALA A 180 -20.44 -5.95 7.85
C ALA A 180 -21.52 -4.88 7.49
N ALA A 181 -22.64 -4.99 8.19
CA ALA A 181 -23.78 -4.12 7.86
C ALA A 181 -23.60 -2.62 7.92
N ARG A 182 -24.29 -1.99 6.97
CA ARG A 182 -24.43 -0.52 6.84
C ARG A 182 -23.10 0.20 6.59
N SER A 183 -22.21 -0.56 5.96
CA SER A 183 -20.93 -0.02 5.57
C SER A 183 -21.03 0.57 4.14
N VAL A 184 -20.25 1.61 3.88
CA VAL A 184 -20.21 2.15 2.52
C VAL A 184 -18.78 2.14 2.05
N VAL A 185 -18.57 1.64 0.83
CA VAL A 185 -17.19 1.65 0.29
C VAL A 185 -17.08 2.68 -0.84
N LEU A 186 -16.02 3.48 -0.76
CA LEU A 186 -15.79 4.52 -1.76
C LEU A 186 -15.29 3.94 -3.08
N PRO A 187 -15.39 4.77 -4.12
CA PRO A 187 -15.01 4.29 -5.40
C PRO A 187 -13.56 3.93 -5.55
N GLY A 188 -13.35 2.82 -6.24
CA GLY A 188 -12.09 2.24 -6.68
C GLY A 188 -11.36 1.50 -5.60
N ILE A 189 -11.95 1.43 -4.40
CA ILE A 189 -11.31 0.74 -3.27
C ILE A 189 -11.18 -0.80 -3.45
N HIS A 190 -10.02 -1.32 -3.03
CA HIS A 190 -9.72 -2.72 -3.11
C HIS A 190 -9.77 -3.25 -1.70
N ILE A 191 -10.63 -4.23 -1.47
CA ILE A 191 -10.80 -4.81 -0.15
C ILE A 191 -10.21 -6.16 -0.39
N ASN A 192 -9.08 -6.39 0.26
CA ASN A 192 -8.38 -7.65 0.01
C ASN A 192 -8.87 -8.94 0.66
N GLU A 193 -8.26 -10.07 0.30
CA GLU A 193 -8.70 -11.33 0.84
C GLU A 193 -8.76 -11.42 2.32
N ASP A 194 -9.82 -12.08 2.75
CA ASP A 194 -10.06 -12.34 4.15
C ASP A 194 -10.01 -11.10 5.00
N ALA A 195 -10.39 -9.96 4.42
CA ALA A 195 -10.43 -8.72 5.17
C ALA A 195 -11.81 -8.69 5.89
N LEU A 196 -11.98 -7.85 6.92
CA LEU A 196 -13.26 -7.70 7.64
C LEU A 196 -13.48 -6.19 7.75
N VAL A 197 -14.59 -5.70 7.21
CA VAL A 197 -14.94 -4.30 7.35
C VAL A 197 -16.06 -4.32 8.39
N GLY A 198 -15.80 -3.71 9.54
CA GLY A 198 -16.74 -3.67 10.66
C GLY A 198 -18.06 -2.90 10.38
N ALA A 199 -19.09 -3.27 11.11
CA ALA A 199 -20.35 -2.60 10.85
C ALA A 199 -20.26 -1.07 10.79
N GLY A 200 -20.96 -0.54 9.80
CA GLY A 200 -21.19 0.87 9.61
C GLY A 200 -20.00 1.70 9.14
N ALA A 201 -18.96 0.99 8.77
CA ALA A 201 -17.78 1.72 8.32
C ALA A 201 -17.91 2.54 7.05
N VAL A 202 -17.04 3.55 6.94
CA VAL A 202 -16.92 4.37 5.74
C VAL A 202 -15.51 4.04 5.27
N VAL A 203 -15.42 3.14 4.28
CA VAL A 203 -14.13 2.67 3.79
C VAL A 203 -13.60 3.56 2.68
N THR A 204 -12.61 4.39 3.04
CA THR A 204 -12.00 5.38 2.13
C THR A 204 -10.63 5.00 1.57
N LYS A 205 -10.10 3.84 1.97
CA LYS A 205 -8.75 3.39 1.55
C LYS A 205 -8.76 1.89 1.30
N ASP A 206 -7.82 1.38 0.50
CA ASP A 206 -7.79 -0.07 0.32
C ASP A 206 -7.62 -0.76 1.68
N VAL A 207 -8.16 -1.95 1.84
CA VAL A 207 -8.04 -2.73 3.07
C VAL A 207 -7.18 -3.93 2.71
N PRO A 208 -6.08 -4.07 3.44
CA PRO A 208 -5.11 -5.15 3.23
C PRO A 208 -5.67 -6.52 3.64
N LYS A 209 -5.13 -7.58 3.05
CA LYS A 209 -5.59 -8.92 3.32
C LYS A 209 -5.61 -9.21 4.82
N GLU A 210 -6.60 -9.96 5.35
CA GLU A 210 -6.66 -10.30 6.79
C GLU A 210 -6.59 -9.17 7.81
N THR A 211 -7.08 -8.02 7.44
CA THR A 211 -7.08 -6.90 8.36
C THR A 211 -8.53 -6.52 8.66
N VAL A 212 -8.75 -6.00 9.86
CA VAL A 212 -10.05 -5.51 10.33
C VAL A 212 -10.03 -3.99 10.34
N VAL A 213 -11.03 -3.35 9.74
CA VAL A 213 -11.08 -1.90 9.83
C VAL A 213 -12.47 -1.58 10.33
N VAL A 214 -12.59 -0.48 11.10
CA VAL A 214 -13.87 0.00 11.60
C VAL A 214 -13.88 1.54 11.63
N GLY A 215 -15.05 2.17 11.67
CA GLY A 215 -15.14 3.62 11.80
C GLY A 215 -15.42 4.44 10.57
N ASN A 216 -15.53 5.74 10.79
CA ASN A 216 -15.75 6.71 9.75
C ASN A 216 -14.70 7.78 10.02
N PRO A 217 -13.65 7.87 9.17
CA PRO A 217 -13.37 6.91 8.09
C PRO A 217 -12.85 5.63 8.77
N ALA A 218 -12.93 4.51 8.06
CA ALA A 218 -12.54 3.23 8.66
C ALA A 218 -11.04 3.27 8.79
N ARG A 219 -10.56 2.69 9.88
CA ARG A 219 -9.14 2.60 10.25
C ARG A 219 -8.89 1.15 10.66
N GLU A 220 -7.65 0.74 10.43
CA GLU A 220 -7.20 -0.60 10.77
C GLU A 220 -7.08 -0.69 12.23
N ILE A 221 -7.67 -1.76 12.74
CA ILE A 221 -7.67 -1.98 14.15
C ILE A 221 -6.88 -3.21 14.54
N CYS A 222 -6.85 -4.23 13.69
CA CYS A 222 -6.09 -5.43 14.06
C CYS A 222 -6.14 -6.46 12.97
N SER A 223 -5.46 -7.56 13.18
CA SER A 223 -5.50 -8.65 12.21
C SER A 223 -6.83 -9.37 12.49
N ILE A 224 -7.38 -9.94 11.40
CA ILE A 224 -8.61 -10.71 11.52
C ILE A 224 -8.46 -11.92 12.50
N ARG A 225 -7.24 -12.45 12.55
CA ARG A 225 -6.93 -13.60 13.37
C ARG A 225 -6.99 -13.28 14.87
N LYS A 226 -7.09 -12.02 15.20
CA LYS A 226 -7.16 -11.70 16.62
C LYS A 226 -8.55 -11.90 17.16
N ILE A 227 -9.53 -11.86 16.27
CA ILE A 227 -10.91 -11.94 16.74
C ILE A 227 -11.32 -13.27 17.31
N LYS A 228 -11.97 -13.20 18.49
CA LYS A 228 -12.46 -14.40 19.16
C LYS A 228 -13.99 -14.53 19.13
N ASN A 229 -14.51 -15.75 19.05
CA ASN A 229 -15.95 -15.92 19.07
C ASN A 229 -16.51 -15.37 20.37
N LYS A 230 -17.52 -14.51 20.29
CA LYS A 230 -18.09 -13.91 21.50
C LYS A 230 -18.75 -14.90 22.44
N ILE A 231 -19.11 -16.05 21.90
CA ILE A 231 -19.77 -17.11 22.68
C ILE A 231 -18.77 -18.14 23.19
N THR A 232 -18.05 -18.77 22.25
CA THR A 232 -17.06 -19.81 22.51
C THR A 232 -15.60 -19.39 22.75
N GLY A 233 -15.22 -18.13 22.48
CA GLY A 233 -13.84 -17.66 22.69
C GLY A 233 -12.81 -18.22 21.69
N GLU A 234 -13.29 -19.02 20.73
CA GLU A 234 -12.43 -19.59 19.72
C GLU A 234 -12.08 -18.52 18.72
N GLN A 235 -10.91 -18.63 18.10
CA GLN A 235 -10.51 -17.68 17.06
C GLN A 235 -11.52 -17.88 15.91
N VAL A 236 -12.06 -16.80 15.32
CA VAL A 236 -13.04 -16.97 14.27
C VAL A 236 -12.53 -17.07 12.82
N TYR A 237 -11.56 -16.21 12.48
CA TYR A 237 -11.06 -16.10 11.12
C TYR A 237 -9.63 -16.61 10.81
N PRO A 238 -9.34 -17.03 9.57
CA PRO A 238 -10.28 -17.08 8.41
C PRO A 238 -11.55 -17.87 8.73
N TRP A 239 -12.69 -17.25 8.39
CA TRP A 239 -13.98 -17.88 8.64
C TRP A 239 -14.17 -19.21 7.95
N ARG A 240 -13.43 -19.44 6.87
CA ARG A 240 -13.64 -20.71 6.18
C ARG A 240 -13.38 -21.91 7.10
N TYR A 241 -12.57 -21.70 8.13
CA TYR A 241 -12.31 -22.80 9.07
C TYR A 241 -13.29 -22.95 10.24
N THR A 242 -14.16 -21.96 10.45
CA THR A 242 -15.14 -22.03 11.55
C THR A 242 -16.58 -22.01 11.11
N PHE A 243 -16.76 -21.82 9.81
CA PHE A 243 -18.12 -21.75 9.30
C PHE A 243 -18.27 -22.40 7.97
N LYS A 244 -19.25 -23.28 7.87
CA LYS A 244 -19.35 -23.92 6.57
C LYS A 244 -20.77 -24.25 6.17
N ARG A 245 -21.75 -23.71 6.89
CA ARG A 245 -23.12 -24.02 6.50
C ARG A 245 -23.36 -23.44 5.11
N GLY A 246 -23.81 -24.29 4.18
CA GLY A 246 -24.07 -23.86 2.82
C GLY A 246 -22.81 -23.69 1.98
N MET A 247 -21.66 -24.15 2.47
CA MET A 247 -20.44 -23.97 1.66
C MET A 247 -20.10 -25.34 1.05
N PRO A 248 -19.27 -25.35 0.02
CA PRO A 248 -18.89 -26.59 -0.66
C PRO A 248 -18.07 -27.54 0.18
N TRP A 249 -17.53 -27.09 1.31
CA TRP A 249 -16.75 -28.07 2.05
C TRP A 249 -17.60 -28.45 3.27
N GLU A 250 -18.91 -28.14 3.22
CA GLU A 250 -19.80 -28.48 4.34
C GLU A 250 -19.74 -29.91 4.86
N GLU A 251 -19.64 -30.84 3.93
CA GLU A 251 -19.60 -32.25 4.28
C GLU A 251 -18.22 -32.82 4.57
N THR A 252 -17.18 -32.03 4.35
CA THR A 252 -15.80 -32.43 4.56
C THR A 252 -15.17 -31.38 5.43
N ASP A 253 -14.09 -30.79 4.96
CA ASP A 253 -13.44 -29.72 5.70
C ASP A 253 -12.77 -28.84 4.66
N TYR A 254 -12.50 -27.59 4.99
CA TYR A 254 -11.97 -26.76 3.94
C TYR A 254 -10.66 -27.24 3.31
N ASP A 255 -9.74 -27.61 4.18
CA ASP A 255 -8.41 -28.07 3.76
C ASP A 255 -8.46 -29.24 2.76
N THR A 256 -9.18 -30.30 3.11
CA THR A 256 -9.35 -31.43 2.20
C THR A 256 -10.03 -30.91 0.95
N TRP A 257 -11.06 -30.08 1.14
CA TRP A 257 -11.80 -29.54 0.01
C TRP A 257 -10.94 -28.77 -1.00
N ILE A 258 -10.16 -27.84 -0.47
CA ILE A 258 -9.31 -27.03 -1.31
C ILE A 258 -8.25 -27.89 -2.04
N LYS A 259 -7.72 -28.90 -1.35
CA LYS A 259 -6.71 -29.79 -1.97
C LYS A 259 -7.36 -30.35 -3.22
N ASN A 260 -8.60 -30.81 -3.12
CA ASN A 260 -9.26 -31.34 -4.31
C ASN A 260 -9.44 -30.32 -5.43
N ILE A 261 -9.77 -29.07 -5.15
CA ILE A 261 -9.85 -28.14 -6.28
C ILE A 261 -8.45 -27.51 -6.21
N ASN B 3 -1.77 6.04 -3.50
CA ASN B 3 -0.50 6.06 -4.24
C ASN B 3 -0.49 6.83 -5.58
N ASN B 4 0.65 7.43 -5.83
CA ASN B 4 0.82 8.17 -7.06
C ASN B 4 2.12 7.63 -7.65
N ILE B 5 1.97 6.67 -8.55
CA ILE B 5 3.15 6.08 -9.16
C ILE B 5 3.28 6.46 -10.64
N SER B 6 4.30 7.24 -10.96
CA SER B 6 4.54 7.68 -12.34
C SER B 6 4.52 6.57 -13.36
N LYS B 7 3.94 6.83 -14.53
CA LYS B 7 3.95 5.83 -15.60
C LYS B 7 5.38 5.61 -16.13
N SER B 8 6.33 6.50 -15.83
CA SER B 8 7.69 6.26 -16.36
C SER B 8 8.54 5.62 -15.26
N ALA B 9 7.99 5.34 -14.09
CA ALA B 9 8.84 4.68 -13.10
C ALA B 9 9.10 3.24 -13.54
N ILE B 10 10.26 2.68 -13.16
CA ILE B 10 10.63 1.28 -13.49
C ILE B 10 10.63 0.57 -12.13
N ILE B 11 9.70 -0.37 -11.96
CA ILE B 11 9.55 -1.10 -10.70
C ILE B 11 9.85 -2.55 -11.02
N LYS B 12 10.96 -3.02 -10.49
CA LYS B 12 11.37 -4.36 -10.79
C LYS B 12 10.59 -5.38 -10.01
N GLU B 13 10.84 -6.62 -10.43
CA GLU B 13 10.13 -7.70 -9.76
C GLU B 13 10.41 -7.87 -8.26
N GLY B 14 9.37 -8.31 -7.56
CA GLY B 14 9.48 -8.56 -6.11
C GLY B 14 9.33 -7.34 -5.19
N VAL B 15 9.14 -6.16 -5.79
CA VAL B 15 9.03 -4.91 -5.04
C VAL B 15 7.69 -4.93 -4.40
N ILE B 16 7.63 -4.54 -3.13
CA ILE B 16 6.38 -4.48 -2.37
C ILE B 16 6.13 -2.99 -2.02
N ILE B 17 4.96 -2.50 -2.38
CA ILE B 17 4.62 -1.13 -2.08
C ILE B 17 3.45 -1.02 -1.13
N GLY B 18 3.59 -0.15 -0.13
CA GLY B 18 2.54 0.05 0.87
C GLY B 18 1.56 1.13 0.38
N GLU B 19 1.00 1.87 1.35
CA GLU B 19 0.01 2.92 1.16
C GLU B 19 0.58 4.33 1.28
N ASN B 20 -0.06 5.28 0.58
CA ASN B 20 0.40 6.67 0.65
CA ASN B 20 0.40 6.66 0.60
C ASN B 20 1.87 6.77 0.20
N VAL B 21 2.19 6.17 -0.94
CA VAL B 21 3.51 6.18 -1.53
C VAL B 21 3.42 6.96 -2.85
N THR B 22 4.38 7.85 -3.03
CA THR B 22 4.48 8.65 -4.25
C THR B 22 5.83 8.33 -4.85
N ILE B 23 5.78 7.90 -6.11
CA ILE B 23 6.98 7.55 -6.92
C ILE B 23 6.90 8.32 -8.21
N GLU B 24 7.76 9.32 -8.29
CA GLU B 24 7.87 10.28 -9.38
C GLU B 24 8.48 9.71 -10.63
N ASP B 25 8.54 10.60 -11.61
CA ASP B 25 9.07 10.26 -12.93
C ASP B 25 10.43 9.63 -12.94
N ASN B 26 10.60 8.66 -13.82
CA ASN B 26 11.88 8.06 -13.98
C ASN B 26 12.62 7.53 -12.76
N VAL B 27 11.87 7.08 -11.80
CA VAL B 27 12.49 6.50 -10.65
C VAL B 27 12.63 5.01 -11.00
N TYR B 28 13.74 4.44 -10.54
CA TYR B 28 14.03 3.02 -10.76
C TYR B 28 14.14 2.31 -9.41
N ILE B 29 13.25 1.35 -9.19
CA ILE B 29 13.22 0.61 -7.94
C ILE B 29 13.70 -0.79 -8.25
N ASP B 30 14.90 -1.13 -7.82
CA ASP B 30 15.39 -2.46 -8.15
C ASP B 30 14.74 -3.65 -7.43
N TYR B 31 15.04 -4.88 -7.83
CA TYR B 31 14.38 -6.04 -7.23
C TYR B 31 14.21 -6.12 -5.73
N GLY B 32 13.02 -6.57 -5.33
CA GLY B 32 12.76 -6.88 -3.93
C GLY B 32 12.75 -5.73 -2.94
N CYS B 33 12.75 -4.47 -3.37
CA CYS B 33 12.70 -3.42 -2.36
C CYS B 33 11.33 -3.49 -1.67
N ILE B 34 11.29 -3.13 -0.37
CA ILE B 34 10.03 -3.02 0.34
C ILE B 34 9.84 -1.49 0.56
N ILE B 35 8.75 -0.94 0.02
CA ILE B 35 8.54 0.50 0.20
C ILE B 35 7.31 0.54 1.11
N ARG B 36 7.57 0.85 2.37
CA ARG B 36 6.47 0.90 3.37
C ARG B 36 5.61 2.13 3.18
N ASP B 37 4.59 2.24 4.03
CA ASP B 37 3.67 3.36 3.87
C ASP B 37 4.40 4.67 3.97
N ASN B 38 3.77 5.68 3.37
CA ASN B 38 4.18 7.09 3.48
C ASN B 38 5.62 7.38 3.07
N VAL B 39 5.96 7.02 1.86
CA VAL B 39 7.32 7.27 1.34
C VAL B 39 7.07 8.01 0.02
N HIS B 40 7.86 9.04 -0.17
CA HIS B 40 7.81 9.88 -1.36
C HIS B 40 9.24 9.90 -1.96
N ILE B 41 9.36 9.34 -3.16
CA ILE B 41 10.66 9.25 -3.83
C ILE B 41 10.62 10.18 -5.03
N LYS B 42 11.49 11.18 -5.02
CA LYS B 42 11.51 12.17 -6.07
C LYS B 42 12.15 11.73 -7.36
N LYS B 43 11.82 12.45 -8.41
CA LYS B 43 12.29 12.07 -9.74
C LYS B 43 13.73 11.77 -10.03
N GLY B 44 13.90 10.78 -10.90
CA GLY B 44 15.25 10.41 -11.34
C GLY B 44 16.02 9.51 -10.39
N SER B 45 15.42 9.19 -9.27
CA SER B 45 16.06 8.34 -8.27
C SER B 45 16.15 6.86 -8.60
N PHE B 46 17.25 6.23 -8.15
CA PHE B 46 17.43 4.78 -8.31
C PHE B 46 17.42 4.19 -6.88
N ILE B 47 16.64 3.15 -6.57
CA ILE B 47 16.65 2.57 -5.19
C ILE B 47 17.07 1.13 -5.39
N GLY B 48 18.23 0.86 -4.78
CA GLY B 48 18.96 -0.39 -4.84
C GLY B 48 18.25 -1.57 -4.28
N ALA B 49 18.51 -2.70 -4.95
CA ALA B 49 17.86 -3.99 -4.61
C ALA B 49 17.69 -4.29 -3.12
N ARG B 50 16.49 -4.76 -2.76
CA ARG B 50 16.15 -5.09 -1.39
C ARG B 50 16.34 -4.02 -0.33
N SER B 51 16.31 -2.77 -0.74
CA SER B 51 16.36 -1.74 0.30
C SER B 51 14.95 -1.75 0.94
N ILE B 52 14.79 -1.13 2.09
CA ILE B 52 13.48 -1.12 2.77
C ILE B 52 13.30 0.35 3.15
N LEU B 53 12.36 1.04 2.51
CA LEU B 53 12.14 2.46 2.75
C LEU B 53 10.88 2.72 3.56
N GLY B 54 10.96 3.64 4.51
CA GLY B 54 9.81 3.89 5.37
C GLY B 54 9.89 2.89 6.52
N GLU B 55 11.09 2.45 6.87
CA GLU B 55 11.20 1.48 7.95
C GLU B 55 10.41 1.89 9.19
N TYR B 56 9.82 0.91 9.86
CA TYR B 56 9.01 1.12 11.07
C TYR B 56 9.66 1.81 12.26
N LEU B 57 8.98 2.85 12.78
CA LEU B 57 9.33 3.61 14.01
C LEU B 57 8.77 2.75 15.18
N VAL B 58 9.39 2.92 16.35
CA VAL B 58 9.06 2.10 17.50
C VAL B 58 7.56 2.02 17.84
N ASP B 59 6.82 3.10 17.57
CA ASP B 59 5.40 3.06 17.85
C ASP B 59 4.64 1.98 17.07
N PHE B 60 5.18 1.49 15.95
CA PHE B 60 4.47 0.44 15.21
C PHE B 60 4.29 -0.84 16.06
N TYR B 61 5.34 -1.19 16.80
CA TYR B 61 5.38 -2.43 17.57
C TYR B 61 4.41 -2.59 18.75
N ASN B 62 3.84 -1.49 19.21
CA ASN B 62 2.88 -1.50 20.33
C ASN B 62 1.75 -2.40 19.92
N ASP B 63 1.21 -2.17 18.73
CA ASP B 63 0.07 -2.97 18.25
C ASP B 63 0.20 -3.47 16.81
N ARG B 64 1.38 -3.32 16.22
CA ARG B 64 1.61 -3.70 14.84
C ARG B 64 0.69 -2.96 13.86
N ILE B 65 0.48 -1.68 14.13
CA ILE B 65 -0.32 -0.85 13.24
C ILE B 65 0.65 0.29 12.94
N ASN B 66 0.99 0.49 11.67
CA ASN B 66 1.93 1.53 11.27
C ASN B 66 1.37 2.94 11.36
N LYS B 67 2.00 3.86 12.12
CA LYS B 67 1.52 5.23 12.22
C LYS B 67 2.19 5.98 11.09
N LYS B 68 1.67 7.17 10.81
CA LYS B 68 2.19 7.97 9.70
C LYS B 68 3.48 8.73 10.03
N HIS B 69 4.54 8.35 9.34
CA HIS B 69 5.84 8.98 9.56
C HIS B 69 6.47 9.13 8.21
N PRO B 70 6.04 10.17 7.50
CA PRO B 70 6.57 10.35 6.18
C PRO B 70 8.08 10.43 5.97
N LEU B 71 8.55 9.75 4.91
CA LEU B 71 9.90 9.81 4.44
C LEU B 71 9.91 10.44 3.02
N ILE B 72 10.84 11.36 2.78
CA ILE B 72 10.99 11.99 1.49
C ILE B 72 12.44 11.86 1.07
N ILE B 73 12.64 11.37 -0.13
CA ILE B 73 13.99 11.26 -0.65
C ILE B 73 13.95 12.17 -1.87
N GLY B 74 14.99 12.97 -2.01
CA GLY B 74 15.07 13.95 -3.11
C GLY B 74 15.35 13.39 -4.52
N GLU B 75 15.47 14.32 -5.47
CA GLU B 75 15.74 13.94 -6.85
C GLU B 75 17.11 13.32 -7.04
N ASN B 76 17.13 12.44 -8.03
CA ASN B 76 18.33 11.80 -8.50
C ASN B 76 19.14 11.05 -7.46
N ALA B 77 18.47 10.40 -6.51
CA ALA B 77 19.26 9.66 -5.55
C ALA B 77 19.84 8.46 -6.31
N LEU B 78 20.96 7.95 -5.79
CA LEU B 78 21.63 6.75 -6.25
C LEU B 78 21.83 6.00 -4.91
N ILE B 79 20.81 5.25 -4.52
CA ILE B 79 20.81 4.51 -3.25
C ILE B 79 21.13 3.07 -3.63
N ARG B 80 22.19 2.51 -3.06
CA ARG B 80 22.56 1.13 -3.38
C ARG B 80 21.79 0.04 -2.61
N THR B 81 22.23 -1.21 -2.75
CA THR B 81 21.46 -2.30 -2.16
C THR B 81 21.30 -2.37 -0.68
N GLU B 82 20.15 -2.93 -0.30
CA GLU B 82 19.75 -3.18 1.07
C GLU B 82 19.90 -1.99 2.00
N ASN B 83 19.54 -0.80 1.54
CA ASN B 83 19.64 0.30 2.51
C ASN B 83 18.30 0.28 3.27
N VAL B 84 18.34 0.68 4.52
CA VAL B 84 17.16 0.75 5.38
C VAL B 84 17.01 2.22 5.81
N ILE B 85 15.88 2.85 5.47
CA ILE B 85 15.71 4.26 5.84
C ILE B 85 14.35 4.41 6.52
N TYR B 86 14.38 4.97 7.72
CA TYR B 86 13.18 5.20 8.54
C TYR B 86 12.28 6.36 8.12
N GLY B 87 11.06 6.34 8.66
CA GLY B 87 10.08 7.42 8.43
C GLY B 87 10.52 8.68 9.18
N ASP B 88 9.83 9.78 8.95
CA ASP B 88 10.16 11.05 9.61
C ASP B 88 11.53 11.61 9.31
N THR B 89 12.05 11.28 8.15
CA THR B 89 13.37 11.74 7.75
C THR B 89 13.28 12.33 6.35
N ILE B 90 14.15 13.32 6.10
CA ILE B 90 14.16 14.03 4.80
C ILE B 90 15.58 13.97 4.27
N ILE B 91 15.68 13.54 3.02
CA ILE B 91 16.99 13.45 2.37
C ILE B 91 16.91 14.33 1.13
N GLY B 92 17.95 15.13 0.88
CA GLY B 92 18.00 16.04 -0.26
C GLY B 92 18.29 15.42 -1.60
N ASP B 93 18.59 16.27 -2.57
CA ASP B 93 18.86 15.76 -3.92
C ASP B 93 20.26 15.19 -4.12
N ASN B 94 20.38 14.39 -5.19
CA ASN B 94 21.68 13.83 -5.57
C ASN B 94 22.33 13.09 -4.40
N PHE B 95 21.54 12.41 -3.59
CA PHE B 95 22.07 11.67 -2.44
C PHE B 95 22.64 10.39 -2.98
N GLN B 96 23.78 9.94 -2.45
CA GLN B 96 24.36 8.67 -2.91
C GLN B 96 24.82 7.75 -1.79
N THR B 97 24.55 6.46 -1.90
CA THR B 97 25.02 5.57 -0.84
C THR B 97 25.72 4.30 -1.33
N GLY B 98 26.40 3.69 -0.38
CA GLY B 98 27.05 2.39 -0.55
C GLY B 98 26.01 1.34 -0.12
N HIS B 99 26.48 0.15 0.18
CA HIS B 99 25.56 -0.92 0.51
C HIS B 99 25.22 -1.07 1.94
N LYS B 100 24.02 -1.53 2.17
CA LYS B 100 23.65 -1.88 3.54
C LYS B 100 23.82 -0.76 4.61
N VAL B 101 23.45 0.43 4.18
CA VAL B 101 23.45 1.62 5.04
C VAL B 101 22.12 1.67 5.82
N THR B 102 22.19 2.23 7.03
CA THR B 102 21.01 2.37 7.88
C THR B 102 20.86 3.85 8.29
N ILE B 103 19.66 4.37 8.04
CA ILE B 103 19.35 5.77 8.40
C ILE B 103 18.03 5.76 9.22
N ARG B 104 18.12 6.27 10.46
CA ARG B 104 17.02 6.36 11.40
C ARG B 104 16.11 7.57 11.19
N GLU B 105 15.09 7.68 12.03
CA GLU B 105 14.03 8.70 11.95
C GLU B 105 14.41 10.04 12.48
N ASN B 106 13.59 11.03 12.07
CA ASN B 106 13.78 12.40 12.50
C ASN B 106 15.16 12.92 12.21
N THR B 107 15.68 12.53 11.06
CA THR B 107 17.02 12.93 10.64
C THR B 107 16.88 13.77 9.37
N LYS B 108 17.81 14.70 9.21
CA LYS B 108 17.82 15.59 8.07
C LYS B 108 19.11 15.45 7.31
N ILE B 109 19.04 15.19 6.00
CA ILE B 109 20.23 15.02 5.18
C ILE B 109 20.09 15.95 4.01
N GLY B 110 21.13 16.74 3.79
CA GLY B 110 21.14 17.76 2.72
C GLY B 110 21.33 17.24 1.31
N ASN B 111 21.80 18.12 0.43
CA ASN B 111 22.00 17.74 -0.96
C ASN B 111 23.41 17.34 -1.26
N ASN B 112 23.53 16.48 -2.27
CA ASN B 112 24.81 15.94 -2.76
C ASN B 112 25.56 15.28 -1.62
N VAL B 113 24.88 14.49 -0.80
CA VAL B 113 25.62 13.89 0.31
C VAL B 113 25.96 12.45 -0.09
N LYS B 114 27.10 11.93 0.35
CA LYS B 114 27.43 10.53 0.07
C LYS B 114 27.59 9.82 1.41
N ILE B 115 27.00 8.64 1.53
CA ILE B 115 27.08 7.86 2.79
C ILE B 115 27.50 6.42 2.42
N GLY B 116 28.72 6.02 2.81
CA GLY B 116 29.31 4.74 2.48
C GLY B 116 28.79 3.49 3.14
N THR B 117 29.15 2.39 2.52
CA THR B 117 28.71 1.09 2.93
C THR B 117 28.76 0.88 4.42
N LEU B 118 27.67 0.33 4.95
CA LEU B 118 27.50 -0.01 6.37
C LEU B 118 27.26 1.14 7.34
N SER B 119 27.44 2.37 6.86
CA SER B 119 27.25 3.48 7.82
C SER B 119 25.90 3.40 8.53
N ASP B 120 25.89 3.90 9.76
CA ASP B 120 24.70 3.79 10.58
C ASP B 120 24.52 5.19 11.13
N ILE B 121 23.48 5.83 10.60
CA ILE B 121 23.10 7.21 10.92
C ILE B 121 21.93 7.13 11.89
N GLN B 122 22.14 7.63 13.11
CA GLN B 122 21.08 7.54 14.10
C GLN B 122 19.94 8.57 13.90
N HIS B 123 18.96 8.60 14.82
CA HIS B 123 17.84 9.53 14.68
C HIS B 123 18.28 10.89 15.23
N HIS B 124 17.49 11.91 14.89
CA HIS B 124 17.81 13.26 15.32
C HIS B 124 19.22 13.66 14.94
N VAL B 125 19.59 13.36 13.71
CA VAL B 125 20.88 13.73 13.18
C VAL B 125 20.71 14.81 12.06
N TYR B 126 21.65 15.72 11.97
CA TYR B 126 21.59 16.75 10.92
C TYR B 126 22.84 16.63 10.11
N ILE B 127 22.65 16.45 8.79
CA ILE B 127 23.75 16.34 7.87
C ILE B 127 23.53 17.38 6.77
N GLY B 128 24.54 18.23 6.59
CA GLY B 128 24.39 19.28 5.62
C GLY B 128 24.62 18.83 4.21
N ASN B 129 25.10 19.74 3.37
CA ASN B 129 25.32 19.47 1.97
C ASN B 129 26.75 19.11 1.66
N TYR B 130 26.88 18.36 0.57
CA TYR B 130 28.22 17.96 0.11
C TYR B 130 29.00 17.32 1.22
N VAL B 131 28.32 16.53 2.05
CA VAL B 131 29.03 15.88 3.13
C VAL B 131 29.43 14.48 2.59
N ASN B 132 30.63 14.04 2.95
CA ASN B 132 31.13 12.72 2.52
C ASN B 132 31.36 11.82 3.72
N ILE B 133 30.51 10.80 3.90
CA ILE B 133 30.67 9.84 4.97
C ILE B 133 31.05 8.52 4.30
N HIS B 134 32.16 7.93 4.76
CA HIS B 134 32.64 6.70 4.12
C HIS B 134 32.13 5.45 4.78
N SER B 135 32.87 4.36 4.64
CA SER B 135 32.45 3.07 5.18
C SER B 135 32.33 2.95 6.65
N ASN B 136 31.24 2.32 7.05
CA ASN B 136 30.99 1.98 8.42
C ASN B 136 31.25 3.09 9.47
N VAL B 137 30.64 4.25 9.25
CA VAL B 137 30.83 5.32 10.21
C VAL B 137 29.55 5.30 11.07
N PHE B 138 29.70 5.52 12.37
CA PHE B 138 28.56 5.59 13.28
C PHE B 138 28.28 7.08 13.61
N VAL B 139 27.09 7.59 13.32
CA VAL B 139 26.75 8.98 13.65
C VAL B 139 25.67 8.97 14.71
N GLY B 140 26.05 9.25 15.95
CA GLY B 140 25.08 9.16 17.04
C GLY B 140 23.99 10.20 17.01
N GLU B 141 22.92 9.92 17.73
CA GLU B 141 21.81 10.86 17.77
C GLU B 141 22.36 12.23 18.19
N LYS B 142 21.76 13.32 17.69
CA LYS B 142 22.20 14.67 18.04
C LYS B 142 23.44 15.17 17.35
N SER B 143 24.10 14.35 16.54
CA SER B 143 25.26 14.79 15.85
C SER B 143 24.87 15.92 14.89
N ILE B 144 25.73 16.93 14.67
CA ILE B 144 25.41 18.01 13.72
C ILE B 144 26.62 18.06 12.83
N ILE B 145 26.44 17.72 11.54
CA ILE B 145 27.55 17.69 10.62
C ILE B 145 27.30 18.73 9.51
N LYS B 146 28.12 19.77 9.51
CA LYS B 146 27.95 20.86 8.52
C LYS B 146 28.42 20.57 7.12
N ASP B 147 28.23 21.52 6.21
CA ASP B 147 28.69 21.28 4.87
C ASP B 147 30.16 20.95 4.68
N PHE B 148 30.41 20.19 3.62
CA PHE B 148 31.76 19.85 3.23
C PHE B 148 32.55 19.06 4.19
N VAL B 149 31.89 18.46 5.16
CA VAL B 149 32.63 17.64 6.09
C VAL B 149 32.92 16.21 5.49
N TRP B 150 34.06 15.62 5.88
CA TRP B 150 34.47 14.29 5.46
C TRP B 150 34.62 13.47 6.72
N LEU B 151 33.95 12.31 6.75
CA LEU B 151 34.07 11.38 7.86
C LEU B 151 34.63 10.11 7.22
N PHE B 152 35.91 9.79 7.46
CA PHE B 152 36.53 8.59 6.89
C PHE B 152 36.11 7.23 7.50
N PRO B 153 36.50 6.09 6.94
CA PRO B 153 35.93 4.86 7.49
C PRO B 153 36.03 4.63 8.97
N HIS B 154 35.00 4.03 9.56
CA HIS B 154 35.04 3.67 10.95
C HIS B 154 35.17 4.79 11.96
N VAL B 155 34.71 5.98 11.56
CA VAL B 155 34.71 7.08 12.51
C VAL B 155 33.49 6.91 13.42
N VAL B 156 33.56 7.33 14.68
CA VAL B 156 32.40 7.16 15.52
C VAL B 156 32.19 8.47 16.26
N LEU B 157 30.96 9.01 16.23
CA LEU B 157 30.57 10.25 16.90
C LEU B 157 29.61 9.80 17.99
N THR B 158 30.01 10.02 19.25
CA THR B 158 29.24 9.61 20.44
C THR B 158 28.45 10.75 21.00
N ASN B 159 27.65 10.45 22.03
CA ASN B 159 26.85 11.53 22.59
C ASN B 159 26.45 11.38 24.08
N ASP B 160 26.85 10.30 24.76
CA ASP B 160 26.47 10.10 26.15
C ASP B 160 27.76 10.28 26.90
N PRO B 161 27.85 11.42 27.59
CA PRO B 161 29.08 11.79 28.29
C PRO B 161 29.56 10.94 29.46
N THR B 162 28.60 10.33 30.17
CA THR B 162 28.84 9.49 31.34
C THR B 162 27.80 8.38 31.25
N PRO B 163 28.03 7.44 30.34
CA PRO B 163 27.05 6.40 30.06
C PRO B 163 26.88 5.25 31.07
N PRO B 164 25.65 4.78 31.25
CA PRO B 164 24.47 5.31 30.55
C PRO B 164 23.90 6.50 31.32
N SER B 165 23.48 7.55 30.62
CA SER B 165 22.91 8.70 31.34
C SER B 165 21.80 9.32 30.52
N ASN B 166 21.04 10.21 31.13
CA ASN B 166 19.90 10.76 30.43
C ASN B 166 20.06 11.97 29.56
N GLU B 167 21.15 12.70 29.75
CA GLU B 167 21.35 13.94 29.02
C GLU B 167 22.50 13.79 28.05
N LEU B 168 22.13 13.68 26.78
CA LEU B 168 23.07 13.51 25.68
C LEU B 168 23.53 14.87 25.14
N LEU B 169 24.76 14.84 24.61
CA LEU B 169 25.43 15.97 23.99
C LEU B 169 25.98 15.51 22.67
N GLY B 170 25.44 16.11 21.63
CA GLY B 170 25.88 15.77 20.30
C GLY B 170 27.23 16.39 20.00
N VAL B 171 27.88 15.80 19.01
CA VAL B 171 29.15 16.34 18.50
C VAL B 171 28.82 17.30 17.34
N THR B 172 29.52 18.44 17.25
CA THR B 172 29.25 19.36 16.15
C THR B 172 30.58 19.53 15.37
N ILE B 173 30.45 19.26 14.07
CA ILE B 173 31.54 19.38 13.11
C ILE B 173 31.21 20.47 12.12
N GLU B 174 32.05 21.49 12.18
CA GLU B 174 31.96 22.69 11.37
C GLU B 174 32.45 22.51 9.93
N LEU B 175 32.15 23.52 9.10
CA LEU B 175 32.50 23.46 7.68
C LEU B 175 33.88 22.98 7.35
N PHE B 176 33.95 22.12 6.34
CA PHE B 176 35.19 21.59 5.79
C PHE B 176 36.05 20.76 6.70
N ALA B 177 35.66 20.58 7.95
CA ALA B 177 36.51 19.75 8.79
C ALA B 177 36.60 18.29 8.24
N VAL B 178 37.72 17.64 8.45
CA VAL B 178 37.93 16.28 7.99
C VAL B 178 38.29 15.35 9.19
N ILE B 179 37.54 14.27 9.32
CA ILE B 179 37.81 13.32 10.40
C ILE B 179 38.36 12.07 9.77
N ALA B 180 39.63 11.81 10.08
CA ALA B 180 40.35 10.67 9.52
C ALA B 180 39.92 9.34 10.07
N ALA B 181 40.24 8.29 9.32
CA ALA B 181 39.75 6.98 9.69
C ALA B 181 39.91 6.46 11.10
N ARG B 182 38.89 5.74 11.55
CA ARG B 182 38.95 5.07 12.85
C ARG B 182 39.08 5.97 14.07
N SER B 183 38.64 7.21 13.90
CA SER B 183 38.65 8.16 15.01
C SER B 183 37.32 8.08 15.78
N VAL B 184 37.37 8.40 17.06
CA VAL B 184 36.14 8.46 17.87
C VAL B 184 36.15 9.88 18.49
N VAL B 185 34.98 10.49 18.53
CA VAL B 185 34.85 11.85 19.10
C VAL B 185 33.90 11.74 20.31
N LEU B 186 34.31 12.23 21.47
CA LEU B 186 33.53 12.20 22.71
C LEU B 186 32.32 13.15 22.59
N PRO B 187 31.36 12.95 23.48
CA PRO B 187 30.16 13.75 23.41
C PRO B 187 30.37 15.23 23.59
N GLY B 188 29.56 16.01 22.90
CA GLY B 188 29.62 17.46 23.07
C GLY B 188 30.83 18.20 22.51
N ILE B 189 31.74 17.48 21.85
CA ILE B 189 32.90 18.14 21.29
C ILE B 189 32.57 18.91 19.99
N HIS B 190 33.20 20.07 19.84
CA HIS B 190 33.10 20.89 18.63
C HIS B 190 34.39 20.76 17.90
N ILE B 191 34.27 20.42 16.64
CA ILE B 191 35.47 20.31 15.85
C ILE B 191 35.26 21.46 14.89
N ASN B 192 36.14 22.45 15.01
CA ASN B 192 36.01 23.67 14.23
C ASN B 192 36.37 23.63 12.78
N GLU B 193 36.03 24.71 12.08
CA GLU B 193 36.29 24.73 10.63
C GLU B 193 37.66 24.36 10.19
N ASP B 194 37.72 23.67 9.05
CA ASP B 194 38.97 23.26 8.43
C ASP B 194 39.92 22.54 9.34
N ALA B 195 39.41 21.90 10.38
CA ALA B 195 40.29 21.15 11.26
C ALA B 195 40.55 19.78 10.61
N LEU B 196 41.55 19.05 11.11
CA LEU B 196 41.90 17.71 10.63
C LEU B 196 42.12 16.81 11.87
N VAL B 197 41.29 15.77 12.05
CA VAL B 197 41.47 14.81 13.14
C VAL B 197 42.20 13.65 12.44
N GLY B 198 43.43 13.46 12.89
CA GLY B 198 44.31 12.41 12.36
C GLY B 198 43.76 11.02 12.57
N ALA B 199 44.17 10.06 11.76
CA ALA B 199 43.62 8.72 11.88
C ALA B 199 43.72 8.10 13.26
N GLY B 200 42.64 7.47 13.69
CA GLY B 200 42.59 6.73 14.95
C GLY B 200 42.54 7.52 16.25
N ALA B 201 42.46 8.85 16.14
CA ALA B 201 42.44 9.72 17.31
C ALA B 201 41.24 9.44 18.22
N VAL B 202 41.41 9.86 19.46
CA VAL B 202 40.37 9.79 20.48
C VAL B 202 40.26 11.29 20.82
N VAL B 203 39.24 11.95 20.28
CA VAL B 203 39.08 13.39 20.50
C VAL B 203 38.30 13.70 21.76
N THR B 204 39.03 14.17 22.76
CA THR B 204 38.46 14.48 24.06
C THR B 204 38.19 15.95 24.34
N LYS B 205 38.54 16.88 23.45
CA LYS B 205 38.28 18.31 23.73
C LYS B 205 38.06 18.92 22.37
N ASP B 206 37.43 20.11 22.33
CA ASP B 206 37.18 20.89 21.10
C ASP B 206 38.42 21.12 20.28
N VAL B 207 38.22 21.10 18.98
CA VAL B 207 39.36 21.28 18.11
C VAL B 207 39.17 22.63 17.42
N PRO B 208 40.19 23.46 17.61
CA PRO B 208 40.19 24.80 17.05
C PRO B 208 40.27 24.78 15.52
N LYS B 209 39.83 25.90 14.93
CA LYS B 209 39.84 26.01 13.48
C LYS B 209 41.23 25.71 12.94
N GLU B 210 41.27 25.12 11.74
CA GLU B 210 42.53 24.85 11.03
C GLU B 210 43.64 24.18 11.83
N THR B 211 43.27 23.37 12.81
CA THR B 211 44.28 22.70 13.62
C THR B 211 44.28 21.22 13.37
N VAL B 212 45.45 20.58 13.45
CA VAL B 212 45.54 19.14 13.30
C VAL B 212 45.72 18.55 14.72
N VAL B 213 44.95 17.52 15.01
CA VAL B 213 45.12 16.86 16.30
C VAL B 213 45.32 15.37 16.00
N VAL B 214 46.13 14.65 16.78
CA VAL B 214 46.34 13.21 16.56
C VAL B 214 46.50 12.56 17.93
N GLY B 215 46.40 11.24 17.96
CA GLY B 215 46.61 10.49 19.19
C GLY B 215 45.45 10.16 20.14
N ASN B 216 45.77 9.48 21.24
CA ASN B 216 44.77 9.11 22.25
C ASN B 216 45.33 9.49 23.67
N PRO B 217 44.88 10.58 24.30
CA PRO B 217 43.86 11.48 23.74
C PRO B 217 44.54 12.30 22.67
N ALA B 218 43.75 12.82 21.75
CA ALA B 218 44.29 13.63 20.65
C ALA B 218 44.88 14.92 21.19
N ARG B 219 45.98 15.34 20.55
CA ARG B 219 46.69 16.59 20.89
C ARG B 219 46.90 17.39 19.63
N GLU B 220 46.86 18.72 19.77
CA GLU B 220 47.09 19.63 18.66
C GLU B 220 48.54 19.55 18.30
N ILE B 221 48.79 19.33 17.02
CA ILE B 221 50.17 19.20 16.67
C ILE B 221 50.63 20.39 15.83
N CYS B 222 49.76 20.97 15.02
CA CYS B 222 50.17 22.11 14.18
C CYS B 222 48.95 22.58 13.44
N SER B 223 49.15 23.63 12.63
CA SER B 223 48.09 24.18 11.81
C SER B 223 48.05 23.25 10.60
N ILE B 224 46.85 23.08 10.03
CA ILE B 224 46.70 22.17 8.88
C ILE B 224 47.51 22.69 7.71
N ARG B 225 47.83 24.00 7.73
CA ARG B 225 48.58 24.58 6.63
C ARG B 225 50.02 24.10 6.57
N LYS B 226 50.43 23.33 7.58
CA LYS B 226 51.79 22.79 7.65
C LYS B 226 51.91 21.48 6.96
N ILE B 227 50.76 20.93 6.59
CA ILE B 227 50.69 19.64 5.91
C ILE B 227 50.96 19.80 4.43
N LYS B 228 51.97 19.06 3.97
CA LYS B 228 52.39 19.03 2.58
C LYS B 228 51.97 17.74 1.87
N ASN B 229 51.63 17.84 0.59
CA ASN B 229 51.21 16.66 -0.15
C ASN B 229 52.36 15.67 -0.13
N LYS B 230 52.06 14.46 0.37
CA LYS B 230 53.09 13.42 0.50
C LYS B 230 53.72 12.94 -0.80
N ILE B 231 53.06 13.25 -1.91
CA ILE B 231 53.56 12.87 -3.21
C ILE B 231 54.21 14.06 -3.89
N THR B 232 53.54 15.20 -3.89
CA THR B 232 54.11 16.38 -4.52
C THR B 232 54.79 17.37 -3.56
N GLY B 233 54.48 17.33 -2.27
CA GLY B 233 55.11 18.26 -1.35
C GLY B 233 54.42 19.61 -1.31
N GLU B 234 53.37 19.78 -2.09
CA GLU B 234 52.67 21.06 -2.08
C GLU B 234 51.86 21.19 -0.79
N GLN B 235 51.37 22.39 -0.48
CA GLN B 235 50.55 22.59 0.72
C GLN B 235 49.16 22.06 0.42
N VAL B 236 48.55 21.28 1.31
CA VAL B 236 47.26 20.68 0.96
C VAL B 236 46.03 21.42 1.43
N TYR B 237 46.12 21.97 2.64
CA TYR B 237 45.00 22.62 3.30
C TYR B 237 45.04 24.14 3.33
N PRO B 238 43.87 24.82 3.27
CA PRO B 238 42.53 24.18 3.19
C PRO B 238 42.36 23.36 1.89
N TRP B 239 41.74 22.18 2.02
CA TRP B 239 41.57 21.24 0.92
C TRP B 239 40.72 21.73 -0.25
N ARG B 240 39.82 22.67 0.03
CA ARG B 240 38.98 23.20 -1.05
C ARG B 240 39.82 23.80 -2.16
N TYR B 241 41.05 24.16 -1.83
CA TYR B 241 41.90 24.73 -2.86
C TYR B 241 42.75 23.71 -3.61
N THR B 242 42.78 22.47 -3.15
CA THR B 242 43.59 21.41 -3.77
C THR B 242 42.76 20.19 -4.23
N PHE B 243 41.51 20.16 -3.82
CA PHE B 243 40.69 19.03 -4.20
C PHE B 243 39.36 19.58 -4.67
N LYS B 244 38.82 19.08 -5.78
CA LYS B 244 37.52 19.52 -6.32
C LYS B 244 36.61 18.42 -6.89
N ARG B 245 37.10 17.19 -6.97
CA ARG B 245 36.32 16.10 -7.54
C ARG B 245 35.03 15.96 -6.75
N GLY B 246 33.91 16.17 -7.44
CA GLY B 246 32.60 16.06 -6.77
C GLY B 246 32.22 17.31 -5.97
N MET B 247 33.04 18.36 -6.03
CA MET B 247 32.74 19.58 -5.29
C MET B 247 31.95 20.46 -6.21
N PRO B 248 31.22 21.41 -5.64
CA PRO B 248 30.43 22.29 -6.49
C PRO B 248 31.32 23.17 -7.38
N TRP B 249 32.59 23.37 -7.05
CA TRP B 249 33.50 24.18 -7.90
C TRP B 249 34.33 23.34 -8.85
N GLU B 250 33.93 22.07 -9.04
CA GLU B 250 34.71 21.18 -9.91
C GLU B 250 35.00 21.76 -11.30
N GLU B 251 34.08 22.55 -11.85
CA GLU B 251 34.29 23.10 -13.18
C GLU B 251 35.24 24.28 -13.24
N THR B 252 35.44 24.94 -12.10
CA THR B 252 36.32 26.08 -11.99
C THR B 252 37.36 25.80 -10.90
N ASP B 253 37.23 26.54 -9.82
CA ASP B 253 38.11 26.41 -8.66
C ASP B 253 37.26 27.03 -7.56
N TYR B 254 37.66 26.80 -6.31
CA TYR B 254 36.91 27.31 -5.17
C TYR B 254 36.64 28.83 -5.19
N ASP B 255 37.69 29.64 -5.22
CA ASP B 255 37.37 31.06 -5.17
C ASP B 255 36.43 31.59 -6.24
N THR B 256 36.60 31.18 -7.49
CA THR B 256 35.81 31.59 -8.64
C THR B 256 34.40 31.12 -8.46
N TRP B 257 34.27 29.91 -7.93
CA TRP B 257 32.96 29.33 -7.69
C TRP B 257 32.35 30.15 -6.56
N ILE B 258 32.99 30.17 -5.42
CA ILE B 258 32.38 30.96 -4.37
C ILE B 258 31.96 32.34 -4.85
N LYS B 259 32.77 33.02 -5.66
CA LYS B 259 32.45 34.37 -6.12
C LYS B 259 31.59 34.58 -7.36
N1A ACO C . -17.38 0.75 14.42
C2A ACO C . -16.69 1.59 15.19
N3A ACO C . -16.05 1.17 16.30
C4A ACO C . -16.09 -0.13 16.65
C5A ACO C . -16.79 -1.06 15.83
C6A ACO C . -17.44 -0.57 14.69
N6A ACO C . -18.13 -1.44 13.87
N7A ACO C . -16.64 -2.30 16.40
C8A ACO C . -15.93 -2.18 17.50
N9A ACO C . -15.57 -0.86 17.69
C1B ACO C . -14.80 -0.31 18.81
C2B ACO C . -15.62 -0.60 20.15
O2B ACO C . -16.60 0.42 20.51
C3B ACO C . -14.45 -0.61 21.16
O3B ACO C . -14.01 0.72 21.32
P3B ACO C . -13.29 0.92 22.77
O7A ACO C . -11.82 0.85 22.58
O8A ACO C . -13.74 2.40 23.26
O9A ACO C . -13.76 -0.25 23.80
C4B ACO C . -13.46 -1.44 20.35
O4B ACO C . -13.53 -0.97 18.97
C5B ACO C . -14.18 -2.76 20.38
O5B ACO C . -13.27 -3.74 19.94
P1A ACO C . -14.12 -5.07 20.09
O1A ACO C . -15.56 -4.74 20.31
O2A ACO C . -13.57 -5.91 21.35
O3A ACO C . -13.77 -5.87 18.75
P2A ACO C . -15.08 -6.54 18.12
O4A ACO C . -14.98 -7.99 18.33
O5A ACO C . -16.46 -5.98 18.76
O6A ACO C . -14.95 -6.21 16.55
CBP ACO C . -16.62 -6.16 14.85
CCP ACO C . -16.16 -5.56 16.17
CDP ACO C . -16.64 -7.71 14.92
CEP ACO C . -15.73 -5.68 13.71
CAP ACO C . -18.00 -5.53 14.73
OAP ACO C . -17.89 -4.12 14.65
C9P ACO C . -18.85 -6.09 13.65
O9P ACO C . -18.83 -5.64 12.52
N8P ACO C . -19.67 -7.09 13.95
C7P ACO C . -20.52 -7.62 12.90
C6P ACO C . -21.80 -6.79 12.83
C5P ACO C . -22.53 -7.27 11.59
O5P ACO C . -22.79 -6.49 10.66
N4P ACO C . -22.85 -8.58 11.56
C3P ACO C . -23.55 -9.12 10.42
C2P ACO C . -24.93 -8.46 10.34
S1P ACO C . -26.04 -9.73 10.96
C ACO C . -27.48 -9.45 10.05
O ACO C . -28.28 -10.34 9.80
CH3 ACO C . -27.78 -8.06 9.57
N1 TDR D . -32.70 3.15 -14.29
C2 TDR D . -33.21 1.90 -14.31
O2 TDR D . -33.84 1.48 -13.34
N3 TDR D . -33.08 1.09 -15.39
C4 TDR D . -32.39 1.56 -16.48
O4 TDR D . -32.27 0.81 -17.47
C5 TDR D . -31.83 2.89 -16.46
CM5 TDR D . -31.05 3.44 -17.64
C6 TDR D . -31.98 3.66 -15.34
N1A ACO E . 48.16 9.19 15.31
C2A ACO E . 49.19 9.23 16.16
N3A ACO E . 50.38 9.70 15.79
C4A ACO E . 50.57 10.13 14.52
C5A ACO E . 49.50 10.10 13.59
C6A ACO E . 48.26 9.61 14.03
N6A ACO E . 47.16 9.57 13.17
N7A ACO E . 49.98 10.60 12.39
C8A ACO E . 51.24 10.92 12.54
N9A ACO E . 51.62 10.66 13.83
C1B ACO E . 52.95 10.88 14.37
C2B ACO E . 54.00 10.04 13.59
O2B ACO E . 54.14 8.73 14.16
C3B ACO E . 55.25 10.96 13.80
O3B ACO E . 55.48 11.06 15.21
P3B ACO E . 56.80 10.31 15.72
O7A ACO E . 57.91 10.93 14.93
O8A ACO E . 56.88 10.59 17.32
O9A ACO E . 56.57 8.70 15.53
C4B ACO E . 54.60 12.33 13.50
O4B ACO E . 53.27 12.25 14.02
C5B ACO E . 54.52 12.79 12.06
O5B ACO E . 54.65 11.62 11.27
P1A ACO E . 54.21 12.08 9.81
O1A ACO E . 54.32 10.84 8.97
O2A ACO E . 55.14 13.29 9.29
O3A ACO E . 52.69 12.58 10.03
P2A ACO E . 51.82 12.96 8.73
O4A ACO E . 51.72 14.45 8.67
O5A ACO E . 52.39 12.40 7.32
O6A ACO E . 50.35 12.28 8.96
CBP ACO E . 48.06 12.88 9.29
CCP ACO E . 49.51 13.11 9.77
CDP ACO E . 47.96 13.36 7.85
CEP ACO E . 47.03 13.64 10.13
CAP ACO E . 47.84 11.37 9.35
OAP ACO E . 47.89 10.88 10.69
C9P ACO E . 46.53 10.96 8.76
O9P ACO E . 45.55 11.03 9.48
N8P ACO E . 46.47 10.51 7.49
C7P ACO E . 45.18 10.13 6.88
C6P ACO E . 44.84 8.62 7.01
C5P ACO E . 43.37 8.55 6.58
O5P ACO E . 42.49 8.22 7.37
N4P ACO E . 43.03 8.87 5.31
C3P ACO E . 41.63 8.84 4.86
C2P ACO E . 41.02 7.46 4.94
S1P ACO E . 41.24 6.87 3.27
C ACO E . 40.83 5.22 3.32
O ACO E . 40.41 4.70 2.31
CH3 ACO E . 40.98 4.42 4.59
N1 TDR F . 30.27 3.31 -3.37
C2 TDR F . 29.98 2.02 -3.69
O2 TDR F . 29.65 1.26 -2.80
N3 TDR F . 30.07 1.57 -4.98
C4 TDR F . 30.47 2.41 -5.99
O4 TDR F . 30.56 2.01 -7.16
C5 TDR F . 30.78 3.77 -5.66
CM5 TDR F . 31.24 4.73 -6.73
C6 TDR F . 30.67 4.18 -4.36
#